data_8OYZ
#
_entry.id   8OYZ
#
_cell.length_a   40.958
_cell.length_b   59.133
_cell.length_c   66.837
_cell.angle_alpha   90.000
_cell.angle_beta   97.041
_cell.angle_gamma   90.000
#
_symmetry.space_group_name_H-M   'P 1 21 1'
#
loop_
_entity.id
_entity.type
_entity.pdbx_description
1 polymer 'Chemotaxis protein CheA'
2 non-polymer 2-azanyl-7,8-dihydro-6~{H}-quinazolin-5-one
3 water water
#
_entity_poly.entity_id   1
_entity_poly.type   'polypeptide(L)'
_entity_poly.pdbx_seq_one_letter_code
;GSHMVPISFVFNRFPRMVRDLAKKMNKEVNFIMRGEDTELDRTFVEEIGEPLLHLLRNAIDHGIEPKEERIAKGKPPIGT
LILSARHEGNNVVIEVEDDGRGIDKEKIIRKAIEKGLIDESKAATLSDQEILNFLFVPGFSTKEKVSEVSGRGVGMDVVK
NVVESLNGSISIESEKDKGTKVTIRLPLT
;
_entity_poly.pdbx_strand_id   B,A
#
loop_
_chem_comp.id
_chem_comp.type
_chem_comp.name
_chem_comp.formula
WXC non-polymer 2-azanyl-7,8-dihydro-6~{H}-quinazolin-5-one 'C8 H9 N3 O'
#
# COMPACT_ATOMS: atom_id res chain seq x y z
N VAL A 5 -11.56 7.84 6.49
CA VAL A 5 -10.35 8.24 5.75
C VAL A 5 -10.78 8.70 4.34
N PRO A 6 -10.63 9.98 3.92
CA PRO A 6 -11.04 10.35 2.56
C PRO A 6 -10.18 9.58 1.53
N ILE A 7 -10.76 9.23 0.39
CA ILE A 7 -10.02 8.47 -0.62
C ILE A 7 -9.01 9.38 -1.36
N SER A 8 -9.19 10.67 -1.22
CA SER A 8 -8.25 11.63 -1.82
C SER A 8 -6.82 11.29 -1.39
N PHE A 9 -6.60 10.67 -0.20
CA PHE A 9 -5.27 10.28 0.22
C PHE A 9 -4.59 9.37 -0.81
N VAL A 10 -5.36 8.54 -1.51
CA VAL A 10 -4.91 7.71 -2.61
C VAL A 10 -5.02 8.49 -3.91
N PHE A 11 -6.19 9.10 -4.19
CA PHE A 11 -6.43 9.68 -5.51
C PHE A 11 -5.45 10.83 -5.77
N ASN A 12 -4.95 11.51 -4.74
CA ASN A 12 -4.09 12.66 -4.97
C ASN A 12 -2.75 12.30 -5.60
N ARG A 13 -2.36 11.04 -5.55
CA ARG A 13 -1.07 10.71 -6.09
C ARG A 13 -1.22 10.34 -7.57
N PHE A 14 -2.44 10.25 -8.06
CA PHE A 14 -2.64 9.72 -9.40
C PHE A 14 -2.42 10.75 -10.52
N PRO A 15 -2.74 12.02 -10.43
CA PRO A 15 -2.51 12.89 -11.58
C PRO A 15 -1.04 12.82 -12.02
N ARG A 16 -0.10 12.78 -11.05
CA ARG A 16 1.31 12.68 -11.41
C ARG A 16 1.66 11.39 -12.15
N MET A 17 1.15 10.25 -11.61
CA MET A 17 1.39 8.95 -12.22
C MET A 17 0.79 8.90 -13.64
N VAL A 18 -0.46 9.36 -13.82
CA VAL A 18 -1.10 9.39 -15.08
C VAL A 18 -0.27 10.23 -16.05
N ARG A 19 0.08 11.46 -15.66
CA ARG A 19 0.78 12.31 -16.63
C ARG A 19 2.17 11.72 -16.97
N ASP A 20 2.85 11.10 -16.00
CA ASP A 20 4.13 10.44 -16.30
C ASP A 20 3.96 9.31 -17.32
N LEU A 21 2.90 8.50 -17.16
CA LEU A 21 2.67 7.34 -18.03
C LEU A 21 2.24 7.79 -19.43
N ALA A 22 1.41 8.86 -19.49
CA ALA A 22 0.90 9.40 -20.75
C ALA A 22 2.08 9.84 -21.62
N LYS A 23 2.95 10.61 -20.98
CA LYS A 23 4.16 11.14 -21.54
C LYS A 23 5.05 9.99 -22.03
N LYS A 24 5.37 9.03 -21.17
CA LYS A 24 6.27 7.98 -21.60
C LYS A 24 5.59 7.16 -22.69
N MET A 25 4.25 7.15 -22.74
CA MET A 25 3.60 6.30 -23.73
C MET A 25 3.11 7.07 -24.96
N ASN A 26 3.42 8.36 -25.01
CA ASN A 26 2.91 9.25 -26.01
C ASN A 26 1.41 9.11 -26.24
N LYS A 27 0.64 9.12 -25.14
CA LYS A 27 -0.78 9.34 -25.26
C LYS A 27 -1.05 10.75 -24.78
N GLU A 28 -2.12 11.33 -25.32
CA GLU A 28 -2.70 12.52 -24.73
C GLU A 28 -3.89 12.04 -23.90
N VAL A 29 -3.89 12.36 -22.60
CA VAL A 29 -4.97 11.87 -21.71
C VAL A 29 -5.56 13.06 -20.94
N ASN A 30 -6.91 13.20 -20.95
CA ASN A 30 -7.60 14.11 -20.10
C ASN A 30 -8.04 13.26 -18.91
N PHE A 31 -7.46 13.52 -17.74
CA PHE A 31 -7.71 12.74 -16.55
C PHE A 31 -8.58 13.52 -15.59
N ILE A 32 -9.73 12.95 -15.26
CA ILE A 32 -10.69 13.58 -14.37
C ILE A 32 -10.89 12.68 -13.16
N MET A 33 -10.88 13.25 -11.94
CA MET A 33 -11.19 12.52 -10.74
C MET A 33 -12.42 13.17 -10.12
N ARG A 34 -13.33 12.32 -9.71
CA ARG A 34 -14.56 12.73 -9.02
C ARG A 34 -14.82 11.89 -7.75
N GLY A 35 -15.49 12.51 -6.76
CA GLY A 35 -15.76 11.81 -5.52
C GLY A 35 -14.58 11.65 -4.57
N GLU A 36 -13.55 12.51 -4.71
CA GLU A 36 -12.36 12.25 -3.92
C GLU A 36 -12.56 12.50 -2.43
N ASP A 37 -13.68 13.07 -1.98
CA ASP A 37 -13.92 13.23 -0.54
C ASP A 37 -14.51 11.98 0.10
N THR A 38 -14.85 10.98 -0.72
CA THR A 38 -15.50 9.78 -0.27
C THR A 38 -14.65 9.08 0.79
N GLU A 39 -15.23 8.90 1.98
CA GLU A 39 -14.51 8.34 3.10
C GLU A 39 -14.70 6.84 3.16
N LEU A 40 -13.63 6.14 3.50
CA LEU A 40 -13.79 4.75 3.88
C LEU A 40 -12.65 4.34 4.79
N ASP A 41 -12.81 3.17 5.38
CA ASP A 41 -11.89 2.63 6.36
C ASP A 41 -10.45 2.72 5.84
N ARG A 42 -9.55 2.98 6.79
CA ARG A 42 -8.11 3.11 6.60
C ARG A 42 -7.49 1.87 5.96
N THR A 43 -7.95 0.68 6.32
CA THR A 43 -7.37 -0.50 5.70
C THR A 43 -7.60 -0.53 4.19
N PHE A 44 -8.81 -0.16 3.80
CA PHE A 44 -9.08 -0.06 2.37
C PHE A 44 -8.19 0.98 1.71
N VAL A 45 -8.10 2.17 2.31
CA VAL A 45 -7.32 3.24 1.73
C VAL A 45 -5.86 2.83 1.59
N GLU A 46 -5.35 2.09 2.57
CA GLU A 46 -3.97 1.62 2.52
C GLU A 46 -3.75 0.56 1.44
N GLU A 47 -4.78 -0.10 0.91
CA GLU A 47 -4.57 -1.27 0.07
C GLU A 47 -5.07 -0.99 -1.34
N ILE A 48 -6.02 -0.06 -1.53
CA ILE A 48 -6.67 0.07 -2.83
C ILE A 48 -5.80 0.77 -3.89
N GLY A 49 -4.70 1.39 -3.46
CA GLY A 49 -3.96 2.23 -4.39
C GLY A 49 -3.32 1.42 -5.51
N GLU A 50 -2.67 0.30 -5.12
CA GLU A 50 -1.99 -0.60 -6.06
C GLU A 50 -2.94 -1.08 -7.17
N PRO A 51 -4.09 -1.69 -6.84
CA PRO A 51 -5.00 -2.12 -7.88
C PRO A 51 -5.53 -1.01 -8.76
N LEU A 52 -5.82 0.17 -8.19
CA LEU A 52 -6.26 1.27 -9.02
C LEU A 52 -5.15 1.72 -9.97
N LEU A 53 -3.94 1.82 -9.45
CA LEU A 53 -2.80 2.22 -10.30
C LEU A 53 -2.68 1.28 -11.51
N HIS A 54 -2.87 -0.03 -11.27
CA HIS A 54 -2.88 -1.01 -12.34
C HIS A 54 -4.00 -0.74 -13.35
N LEU A 55 -5.22 -0.46 -12.89
CA LEU A 55 -6.31 -0.16 -13.78
C LEU A 55 -6.05 1.12 -14.62
N LEU A 56 -5.50 2.19 -13.98
CA LEU A 56 -5.17 3.42 -14.66
C LEU A 56 -4.08 3.14 -15.71
N ARG A 57 -3.05 2.37 -15.30
CA ARG A 57 -2.05 1.95 -16.28
C ARG A 57 -2.64 1.22 -17.47
N ASN A 58 -3.49 0.21 -17.22
CA ASN A 58 -4.17 -0.47 -18.32
C ASN A 58 -4.89 0.49 -19.25
N ALA A 59 -5.63 1.45 -18.69
CA ALA A 59 -6.39 2.35 -19.53
C ALA A 59 -5.46 3.15 -20.43
N ILE A 60 -4.34 3.68 -19.87
CA ILE A 60 -3.45 4.56 -20.62
C ILE A 60 -2.71 3.76 -21.71
N ASP A 61 -2.24 2.57 -21.36
CA ASP A 61 -1.47 1.73 -22.25
C ASP A 61 -2.38 1.03 -23.28
N HIS A 62 -3.34 0.25 -22.80
CA HIS A 62 -4.14 -0.61 -23.63
C HIS A 62 -5.45 0.00 -24.14
N GLY A 63 -6.04 0.97 -23.44
CA GLY A 63 -7.32 1.50 -23.82
C GLY A 63 -7.21 2.71 -24.74
N ILE A 64 -6.80 3.86 -24.16
CA ILE A 64 -6.77 5.11 -24.88
C ILE A 64 -5.81 4.92 -26.06
N GLU A 65 -6.28 5.37 -27.22
CA GLU A 65 -5.52 5.25 -28.44
C GLU A 65 -4.72 6.53 -28.63
N PRO A 66 -3.61 6.47 -29.40
CA PRO A 66 -2.89 7.68 -29.72
C PRO A 66 -3.82 8.62 -30.48
N LYS A 67 -3.58 9.92 -30.32
CA LYS A 67 -4.45 10.92 -30.86
C LYS A 67 -4.68 10.73 -32.35
N GLU A 68 -3.61 10.40 -33.11
CA GLU A 68 -3.78 10.25 -34.55
C GLU A 68 -4.79 9.15 -34.86
N GLU A 69 -4.76 8.07 -34.06
CA GLU A 69 -5.65 6.93 -34.25
C GLU A 69 -7.11 7.35 -33.95
N ARG A 70 -7.31 8.09 -32.83
CA ARG A 70 -8.61 8.61 -32.46
C ARG A 70 -9.17 9.49 -33.58
N ILE A 71 -8.37 10.40 -34.13
CA ILE A 71 -8.84 11.26 -35.20
C ILE A 71 -9.19 10.38 -36.40
N ALA A 72 -8.35 9.39 -36.69
CA ALA A 72 -8.55 8.60 -37.88
C ALA A 72 -9.84 7.80 -37.77
N LYS A 73 -10.35 7.64 -36.56
CA LYS A 73 -11.59 6.90 -36.30
C LYS A 73 -12.75 7.83 -35.99
N GLY A 74 -12.53 9.13 -36.11
CA GLY A 74 -13.58 10.12 -35.86
C GLY A 74 -13.97 10.25 -34.40
N LYS A 75 -13.06 9.95 -33.48
CA LYS A 75 -13.29 10.14 -32.07
C LYS A 75 -12.79 11.50 -31.64
N PRO A 76 -13.25 12.01 -30.49
CA PRO A 76 -12.65 13.21 -29.92
C PRO A 76 -11.14 12.96 -29.77
N PRO A 77 -10.27 13.91 -30.18
CA PRO A 77 -8.84 13.59 -30.34
C PRO A 77 -8.15 13.08 -29.09
N ILE A 78 -8.43 13.74 -27.98
CA ILE A 78 -7.77 13.40 -26.71
C ILE A 78 -8.66 12.40 -25.98
N GLY A 79 -8.10 11.27 -25.53
CA GLY A 79 -8.83 10.30 -24.74
C GLY A 79 -9.09 10.78 -23.33
N THR A 80 -10.14 10.26 -22.70
CA THR A 80 -10.52 10.71 -21.36
C THR A 80 -10.57 9.48 -20.46
N LEU A 81 -9.96 9.66 -19.28
CA LEU A 81 -9.83 8.70 -18.21
C LEU A 81 -10.49 9.32 -16.99
N ILE A 82 -11.54 8.68 -16.45
CA ILE A 82 -12.29 9.21 -15.28
C ILE A 82 -12.17 8.15 -14.17
N LEU A 83 -11.69 8.63 -13.04
CA LEU A 83 -11.73 7.88 -11.81
C LEU A 83 -12.70 8.50 -10.83
N SER A 84 -13.57 7.69 -10.25
CA SER A 84 -14.72 8.20 -9.50
C SER A 84 -14.86 7.34 -8.24
N ALA A 85 -15.28 7.97 -7.12
CA ALA A 85 -15.68 7.25 -5.94
C ALA A 85 -17.00 7.81 -5.43
N ARG A 86 -17.85 6.91 -4.95
CA ARG A 86 -19.11 7.36 -4.36
C ARG A 86 -19.59 6.32 -3.36
N HIS A 87 -20.49 6.79 -2.50
CA HIS A 87 -21.26 5.86 -1.67
C HIS A 87 -22.46 5.28 -2.41
N GLU A 88 -22.71 4.00 -2.19
CA GLU A 88 -23.96 3.35 -2.58
C GLU A 88 -24.35 2.51 -1.36
N GLY A 89 -25.15 3.15 -0.51
CA GLY A 89 -25.57 2.57 0.74
C GLY A 89 -24.40 2.56 1.68
N ASN A 90 -24.07 1.34 2.14
CA ASN A 90 -22.98 1.17 3.11
C ASN A 90 -21.71 0.72 2.36
N ASN A 91 -21.81 0.70 1.02
CA ASN A 91 -20.69 0.27 0.17
C ASN A 91 -20.11 1.48 -0.55
N VAL A 92 -18.84 1.38 -0.93
CA VAL A 92 -18.19 2.43 -1.72
C VAL A 92 -17.95 1.80 -3.07
N VAL A 93 -18.25 2.58 -4.12
CA VAL A 93 -18.14 2.11 -5.47
C VAL A 93 -17.05 2.97 -6.14
N ILE A 94 -16.03 2.34 -6.68
CA ILE A 94 -14.98 3.10 -7.38
C ILE A 94 -14.99 2.67 -8.84
N GLU A 95 -14.95 3.62 -9.74
CA GLU A 95 -15.01 3.36 -11.18
C GLU A 95 -13.79 3.95 -11.87
N VAL A 96 -13.24 3.18 -12.82
CA VAL A 96 -12.19 3.67 -13.67
C VAL A 96 -12.77 3.52 -15.08
N GLU A 97 -13.00 4.63 -15.78
CA GLU A 97 -13.62 4.57 -17.08
C GLU A 97 -12.68 5.29 -18.09
N ASP A 98 -12.48 4.69 -19.24
CA ASP A 98 -11.86 5.35 -20.40
C ASP A 98 -12.73 5.20 -21.64
N ASP A 99 -12.51 6.10 -22.58
CA ASP A 99 -13.20 6.07 -23.86
C ASP A 99 -12.30 5.62 -25.00
N GLY A 100 -11.46 4.63 -24.68
CA GLY A 100 -10.52 4.10 -25.66
C GLY A 100 -11.08 2.98 -26.50
N ARG A 101 -10.17 2.06 -26.85
CA ARG A 101 -10.45 1.14 -27.90
C ARG A 101 -11.30 -0.01 -27.38
N GLY A 102 -11.40 -0.18 -26.03
CA GLY A 102 -12.22 -1.22 -25.46
C GLY A 102 -11.49 -2.54 -25.51
N ILE A 103 -12.16 -3.61 -25.04
CA ILE A 103 -11.59 -4.95 -25.07
C ILE A 103 -12.21 -5.73 -26.23
N ASP A 104 -11.36 -6.44 -26.98
CA ASP A 104 -11.86 -7.22 -28.11
C ASP A 104 -12.32 -8.59 -27.58
N LYS A 105 -13.63 -8.81 -27.51
CA LYS A 105 -14.19 -10.05 -26.97
C LYS A 105 -13.92 -11.26 -27.84
N GLU A 106 -13.80 -11.01 -29.15
CA GLU A 106 -13.41 -12.06 -30.08
C GLU A 106 -12.04 -12.58 -29.79
N LYS A 107 -11.06 -11.66 -29.55
CA LYS A 107 -9.74 -12.08 -29.18
C LYS A 107 -9.75 -12.86 -27.86
N ILE A 108 -10.55 -12.43 -26.90
CA ILE A 108 -10.65 -13.20 -25.66
C ILE A 108 -11.13 -14.61 -25.89
N ILE A 109 -12.16 -14.78 -26.73
CA ILE A 109 -12.68 -16.09 -27.02
C ILE A 109 -11.63 -16.96 -27.74
N ARG A 110 -10.92 -16.37 -28.70
CA ARG A 110 -9.88 -17.10 -29.39
C ARG A 110 -8.86 -17.61 -28.41
N LYS A 111 -8.45 -16.74 -27.51
CA LYS A 111 -7.41 -17.05 -26.53
C LYS A 111 -7.91 -18.15 -25.59
N ALA A 112 -9.18 -18.06 -25.18
CA ALA A 112 -9.72 -19.07 -24.29
C ALA A 112 -9.77 -20.42 -24.96
N ILE A 113 -10.07 -20.46 -26.25
CA ILE A 113 -10.10 -21.71 -26.97
C ILE A 113 -8.69 -22.22 -27.12
N GLU A 114 -7.72 -21.36 -27.44
CA GLU A 114 -6.36 -21.83 -27.52
C GLU A 114 -5.87 -22.50 -26.21
N LYS A 115 -6.25 -21.89 -25.07
CA LYS A 115 -5.80 -22.31 -23.76
C LYS A 115 -6.60 -23.52 -23.24
N GLY A 116 -7.59 -23.93 -24.01
CA GLY A 116 -8.37 -25.10 -23.72
C GLY A 116 -9.45 -24.86 -22.65
N LEU A 117 -9.83 -23.61 -22.41
CA LEU A 117 -10.75 -23.22 -21.37
C LEU A 117 -12.20 -23.31 -21.79
N ILE A 118 -12.48 -23.25 -23.08
CA ILE A 118 -13.81 -23.36 -23.63
C ILE A 118 -13.69 -24.02 -24.97
N ASP A 119 -14.73 -24.82 -25.26
CA ASP A 119 -15.06 -25.42 -26.52
C ASP A 119 -15.46 -24.34 -27.50
N GLU A 120 -15.20 -24.50 -28.79
CA GLU A 120 -15.82 -23.59 -29.76
C GLU A 120 -17.35 -23.66 -29.67
N SER A 121 -17.84 -24.85 -29.37
CA SER A 121 -19.30 -25.06 -29.38
C SER A 121 -20.00 -24.14 -28.36
N LYS A 122 -19.38 -23.96 -27.20
CA LYS A 122 -19.93 -23.20 -26.10
C LYS A 122 -19.63 -21.71 -26.21
N ALA A 123 -18.63 -21.30 -27.06
CA ALA A 123 -18.33 -19.88 -27.19
C ALA A 123 -19.48 -19.01 -27.74
N ALA A 124 -20.27 -19.54 -28.69
CA ALA A 124 -21.40 -18.85 -29.33
C ALA A 124 -22.41 -18.31 -28.32
N THR A 125 -22.59 -18.94 -27.17
CA THR A 125 -23.71 -18.48 -26.32
C THR A 125 -23.20 -17.84 -25.02
N LEU A 126 -21.87 -17.63 -24.89
CA LEU A 126 -21.31 -16.97 -23.73
C LEU A 126 -21.91 -15.57 -23.57
N SER A 127 -22.25 -15.25 -22.34
CA SER A 127 -22.67 -13.91 -22.02
C SER A 127 -21.51 -12.93 -22.15
N ASP A 128 -21.82 -11.65 -22.17
CA ASP A 128 -20.78 -10.62 -22.20
C ASP A 128 -19.94 -10.70 -20.93
N GLN A 129 -20.55 -10.91 -19.77
CA GLN A 129 -19.79 -10.99 -18.54
C GLN A 129 -18.95 -12.26 -18.44
N GLU A 130 -19.49 -13.36 -18.94
CA GLU A 130 -18.74 -14.61 -19.01
C GLU A 130 -17.47 -14.38 -19.81
N ILE A 131 -17.59 -13.70 -20.96
CA ILE A 131 -16.41 -13.53 -21.81
C ILE A 131 -15.38 -12.66 -21.06
N LEU A 132 -15.79 -11.52 -20.50
CA LEU A 132 -14.86 -10.57 -19.96
C LEU A 132 -14.24 -11.14 -18.69
N ASN A 133 -14.93 -12.07 -18.04
CA ASN A 133 -14.42 -12.68 -16.81
C ASN A 133 -13.24 -13.64 -17.06
N PHE A 134 -13.05 -14.04 -18.31
CA PHE A 134 -11.82 -14.73 -18.63
C PHE A 134 -10.59 -13.89 -18.28
N LEU A 135 -10.71 -12.54 -18.32
CA LEU A 135 -9.55 -11.71 -18.09
C LEU A 135 -9.04 -11.88 -16.66
N PHE A 136 -9.88 -12.36 -15.79
CA PHE A 136 -9.48 -12.59 -14.39
C PHE A 136 -8.86 -13.97 -14.16
N VAL A 137 -8.82 -14.83 -15.17
CA VAL A 137 -8.24 -16.16 -15.02
C VAL A 137 -6.74 -15.93 -14.88
N PRO A 138 -6.08 -16.55 -13.89
CA PRO A 138 -4.64 -16.33 -13.69
C PRO A 138 -3.79 -16.75 -14.88
N GLY A 139 -3.02 -15.78 -15.35
CA GLY A 139 -2.15 -15.97 -16.47
C GLY A 139 -2.83 -15.82 -17.81
N PHE A 140 -4.04 -15.28 -17.87
CA PHE A 140 -4.77 -15.25 -19.14
C PHE A 140 -4.16 -14.28 -20.15
N SER A 141 -3.84 -13.04 -19.77
CA SER A 141 -3.27 -12.12 -20.77
C SER A 141 -1.77 -12.37 -21.01
N GLY A 155 -2.00 -7.93 -15.15
CA GLY A 155 -2.78 -9.12 -14.73
C GLY A 155 -4.04 -8.70 -13.95
N MET A 156 -5.22 -8.86 -14.58
CA MET A 156 -6.48 -8.50 -13.94
C MET A 156 -6.73 -9.45 -12.77
N ASP A 157 -6.14 -10.66 -12.83
CA ASP A 157 -6.12 -11.60 -11.71
C ASP A 157 -5.57 -10.93 -10.46
N VAL A 158 -4.47 -10.16 -10.57
CA VAL A 158 -3.79 -9.60 -9.40
C VAL A 158 -4.67 -8.51 -8.77
N VAL A 159 -5.36 -7.77 -9.64
CA VAL A 159 -6.30 -6.70 -9.27
C VAL A 159 -7.41 -7.35 -8.45
N LYS A 160 -7.98 -8.44 -8.99
CA LYS A 160 -9.09 -9.15 -8.34
C LYS A 160 -8.63 -9.72 -6.99
N ASN A 161 -7.39 -10.23 -6.89
CA ASN A 161 -6.83 -10.82 -5.67
C ASN A 161 -6.83 -9.81 -4.52
N VAL A 162 -6.37 -8.59 -4.81
CA VAL A 162 -6.42 -7.53 -3.82
C VAL A 162 -7.87 -7.17 -3.45
N VAL A 163 -8.70 -6.93 -4.46
CA VAL A 163 -10.08 -6.52 -4.19
C VAL A 163 -10.79 -7.60 -3.33
N GLU A 164 -10.57 -8.86 -3.69
CA GLU A 164 -11.10 -10.05 -2.98
C GLU A 164 -10.64 -10.05 -1.52
N SER A 165 -9.36 -9.70 -1.26
CA SER A 165 -8.81 -9.73 0.09
C SER A 165 -9.39 -8.60 0.94
N LEU A 166 -10.05 -7.62 0.30
CA LEU A 166 -10.70 -6.54 0.99
C LEU A 166 -12.21 -6.82 1.13
N ASN A 167 -12.60 -8.02 0.77
CA ASN A 167 -13.97 -8.51 0.69
C ASN A 167 -14.82 -7.72 -0.29
N GLY A 168 -14.15 -7.22 -1.34
CA GLY A 168 -14.87 -6.52 -2.39
C GLY A 168 -15.16 -7.37 -3.62
N SER A 169 -15.72 -6.73 -4.65
CA SER A 169 -15.99 -7.37 -5.92
C SER A 169 -15.56 -6.41 -7.03
N ILE A 170 -15.30 -7.01 -8.18
CA ILE A 170 -14.95 -6.21 -9.32
C ILE A 170 -15.68 -6.71 -10.56
N SER A 171 -16.04 -5.78 -11.43
CA SER A 171 -16.62 -6.14 -12.71
C SER A 171 -16.02 -5.28 -13.80
N ILE A 172 -16.12 -5.78 -15.04
CA ILE A 172 -15.64 -5.12 -16.23
C ILE A 172 -16.82 -4.99 -17.19
N GLU A 173 -16.96 -3.83 -17.84
CA GLU A 173 -17.88 -3.57 -18.92
C GLU A 173 -17.06 -2.90 -20.00
N SER A 174 -17.23 -3.36 -21.25
CA SER A 174 -16.35 -2.92 -22.31
C SER A 174 -16.95 -3.24 -23.65
N GLU A 175 -16.73 -2.32 -24.59
CA GLU A 175 -17.27 -2.52 -25.92
C GLU A 175 -16.21 -2.00 -26.85
N LYS A 176 -15.93 -2.76 -27.90
CA LYS A 176 -14.88 -2.40 -28.81
C LYS A 176 -15.15 -1.05 -29.40
N ASP A 177 -14.05 -0.28 -29.55
CA ASP A 177 -14.03 1.12 -29.96
C ASP A 177 -14.76 2.10 -29.06
N LYS A 178 -15.43 1.70 -27.99
CA LYS A 178 -16.21 2.64 -27.21
C LYS A 178 -15.42 2.98 -25.93
N GLY A 179 -14.89 1.94 -25.28
CA GLY A 179 -14.10 2.09 -24.05
C GLY A 179 -14.44 1.03 -23.00
N THR A 180 -13.86 1.25 -21.78
CA THR A 180 -13.89 0.27 -20.73
C THR A 180 -14.24 0.97 -19.42
N LYS A 181 -15.06 0.28 -18.57
CA LYS A 181 -15.33 0.71 -17.22
C LYS A 181 -15.17 -0.49 -16.29
N VAL A 182 -14.25 -0.26 -15.34
CA VAL A 182 -13.97 -1.24 -14.29
C VAL A 182 -14.61 -0.71 -13.03
N THR A 183 -15.36 -1.60 -12.33
CA THR A 183 -16.05 -1.11 -11.16
C THR A 183 -15.63 -2.02 -10.01
N ILE A 184 -15.31 -1.37 -8.89
CA ILE A 184 -14.88 -2.01 -7.66
C ILE A 184 -15.85 -1.61 -6.57
N ARG A 185 -16.39 -2.61 -5.85
CA ARG A 185 -17.35 -2.37 -4.80
C ARG A 185 -16.73 -2.89 -3.50
N LEU A 186 -16.65 -2.02 -2.52
CA LEU A 186 -16.01 -2.31 -1.24
C LEU A 186 -17.02 -2.27 -0.12
N PRO A 187 -16.92 -3.15 0.90
CA PRO A 187 -17.87 -3.11 2.01
C PRO A 187 -17.47 -2.02 2.99
N LEU A 188 -18.26 -1.76 4.01
CA LEU A 188 -17.97 -0.73 5.01
C LEU A 188 -16.74 -1.10 5.88
N THR A 189 -16.67 -2.40 6.29
CA THR A 189 -15.65 -2.95 7.19
C THR A 189 -14.98 -1.82 7.99
N VAL B 5 6.34 11.47 35.80
CA VAL B 5 7.30 12.05 34.86
C VAL B 5 6.59 12.11 33.48
N PRO B 6 6.26 13.28 32.89
CA PRO B 6 5.72 13.25 31.52
C PRO B 6 6.81 12.74 30.58
N ILE B 7 6.41 12.01 29.52
CA ILE B 7 7.34 11.49 28.54
C ILE B 7 7.86 12.62 27.63
N SER B 8 7.27 13.82 27.75
CA SER B 8 7.72 14.94 26.96
C SER B 8 9.17 15.34 27.31
N PHE B 9 9.68 14.97 28.50
CA PHE B 9 11.10 15.10 28.81
C PHE B 9 11.98 14.42 27.75
N VAL B 10 11.56 13.28 27.23
CA VAL B 10 12.24 12.59 26.13
C VAL B 10 11.73 13.11 24.79
N PHE B 11 10.42 13.10 24.56
CA PHE B 11 9.85 13.26 23.23
C PHE B 11 10.28 14.62 22.68
N ASN B 12 10.32 15.65 23.54
CA ASN B 12 10.61 17.00 23.09
C ASN B 12 11.97 17.16 22.44
N ARG B 13 12.92 16.26 22.65
CA ARG B 13 14.21 16.38 22.00
C ARG B 13 14.18 15.79 20.59
N PHE B 14 13.11 15.11 20.18
CA PHE B 14 13.20 14.32 18.96
C PHE B 14 12.90 15.14 17.68
N PRO B 15 12.00 16.12 17.63
CA PRO B 15 11.70 16.69 16.30
C PRO B 15 12.95 17.20 15.57
N ARG B 16 13.85 17.85 16.32
CA ARG B 16 15.10 18.36 15.77
C ARG B 16 16.00 17.24 15.23
N MET B 17 16.12 16.14 16.00
CA MET B 17 16.92 14.99 15.63
C MET B 17 16.37 14.36 14.35
N VAL B 18 15.05 14.17 14.29
CA VAL B 18 14.37 13.60 13.14
C VAL B 18 14.65 14.47 11.91
N ARG B 19 14.42 15.77 12.07
CA ARG B 19 14.56 16.70 10.96
C ARG B 19 16.01 16.71 10.46
N ASP B 20 16.96 16.69 11.39
CA ASP B 20 18.37 16.69 11.05
C ASP B 20 18.66 15.42 10.24
N LEU B 21 18.15 14.26 10.71
CA LEU B 21 18.45 13.00 10.05
C LEU B 21 17.80 12.90 8.66
N ALA B 22 16.54 13.37 8.53
CA ALA B 22 15.78 13.38 7.27
C ALA B 22 16.54 14.17 6.20
N LYS B 23 16.88 15.40 6.58
CA LYS B 23 17.69 16.32 5.80
C LYS B 23 19.03 15.67 5.44
N LYS B 24 19.78 15.13 6.44
CA LYS B 24 21.07 14.56 6.10
C LYS B 24 20.86 13.45 5.09
N MET B 25 19.65 12.87 4.98
CA MET B 25 19.44 11.66 4.22
C MET B 25 18.55 11.90 3.01
N ASN B 26 18.23 13.17 2.71
CA ASN B 26 17.45 13.47 1.54
C ASN B 26 16.05 12.88 1.60
N LYS B 27 15.37 13.17 2.72
CA LYS B 27 14.01 12.71 2.88
C LYS B 27 13.11 13.82 3.38
N GLU B 28 11.82 13.72 3.01
CA GLU B 28 10.85 14.74 3.42
C GLU B 28 9.94 14.02 4.45
N VAL B 29 10.00 14.38 5.75
CA VAL B 29 9.40 13.53 6.77
C VAL B 29 8.53 14.45 7.63
N ASN B 30 7.26 14.16 7.64
CA ASN B 30 6.33 14.80 8.52
C ASN B 30 6.33 13.95 9.79
N PHE B 31 6.85 14.54 10.86
CA PHE B 31 7.02 13.86 12.11
C PHE B 31 5.96 14.35 13.07
N ILE B 32 5.15 13.41 13.56
CA ILE B 32 4.01 13.78 14.38
C ILE B 32 4.23 13.09 15.74
N MET B 33 4.03 13.84 16.82
CA MET B 33 4.09 13.23 18.16
C MET B 33 2.71 13.37 18.81
N ARG B 34 2.29 12.28 19.46
CA ARG B 34 0.99 12.23 20.10
C ARG B 34 1.16 11.76 21.55
N GLY B 35 0.39 12.34 22.49
CA GLY B 35 0.45 11.81 23.86
C GLY B 35 1.77 12.09 24.59
N GLU B 36 2.39 13.23 24.29
CA GLU B 36 3.63 13.59 24.92
C GLU B 36 3.45 13.91 26.41
N ASP B 37 2.21 14.20 26.87
CA ASP B 37 2.01 14.51 28.29
C ASP B 37 1.78 13.26 29.15
N THR B 38 1.89 12.10 28.52
CA THR B 38 1.68 10.83 29.18
C THR B 38 2.73 10.65 30.25
N GLU B 39 2.26 10.46 31.51
CA GLU B 39 3.16 10.38 32.63
C GLU B 39 3.49 8.92 32.92
N LEU B 40 4.75 8.65 33.20
CA LEU B 40 5.06 7.38 33.84
C LEU B 40 6.32 7.53 34.68
N ASP B 41 6.66 6.45 35.31
CA ASP B 41 7.78 6.44 36.25
C ASP B 41 9.02 6.99 35.58
N ARG B 42 9.71 7.86 36.32
CA ARG B 42 10.87 8.58 35.79
C ARG B 42 12.00 7.62 35.40
N THR B 43 12.10 6.41 35.97
CA THR B 43 13.09 5.44 35.52
C THR B 43 12.88 5.10 34.06
N PHE B 44 11.63 4.86 33.73
CA PHE B 44 11.29 4.53 32.36
C PHE B 44 11.58 5.67 31.44
N VAL B 45 11.19 6.89 31.81
CA VAL B 45 11.47 8.06 31.00
C VAL B 45 12.96 8.23 30.77
N GLU B 46 13.74 8.01 31.80
CA GLU B 46 15.19 8.19 31.74
C GLU B 46 15.84 7.13 30.86
N GLU B 47 15.23 5.95 30.63
CA GLU B 47 15.92 4.88 29.94
C GLU B 47 15.35 4.64 28.56
N ILE B 48 14.12 5.07 28.29
CA ILE B 48 13.50 4.67 27.00
C ILE B 48 13.93 5.58 25.84
N GLY B 49 14.61 6.70 26.13
CA GLY B 49 15.00 7.61 25.06
C GLY B 49 15.95 6.97 24.03
N GLU B 50 16.96 6.27 24.51
CA GLU B 50 17.93 5.67 23.57
C GLU B 50 17.31 4.61 22.68
N PRO B 51 16.54 3.65 23.20
CA PRO B 51 15.79 2.74 22.33
C PRO B 51 14.85 3.41 21.32
N LEU B 52 14.13 4.47 21.76
CA LEU B 52 13.22 5.15 20.86
C LEU B 52 14.07 5.81 19.75
N LEU B 53 15.18 6.45 20.15
CA LEU B 53 16.04 7.12 19.14
C LEU B 53 16.37 6.15 18.03
N HIS B 54 16.76 4.92 18.40
CA HIS B 54 17.07 3.89 17.43
C HIS B 54 15.89 3.55 16.53
N LEU B 55 14.68 3.39 17.09
CA LEU B 55 13.54 3.12 16.27
C LEU B 55 13.24 4.25 15.29
N LEU B 56 13.33 5.53 15.76
CA LEU B 56 13.10 6.68 14.91
C LEU B 56 14.17 6.73 13.81
N ARG B 57 15.41 6.52 14.22
CA ARG B 57 16.45 6.44 13.19
C ARG B 57 16.20 5.33 12.17
N ASN B 58 15.86 4.16 12.62
CA ASN B 58 15.52 3.05 11.72
C ASN B 58 14.46 3.47 10.71
N ALA B 59 13.42 4.12 11.19
CA ALA B 59 12.30 4.47 10.34
C ALA B 59 12.76 5.48 9.28
N ILE B 60 13.59 6.44 9.61
CA ILE B 60 14.00 7.48 8.65
C ILE B 60 15.00 6.89 7.63
N ASP B 61 15.88 6.07 8.13
CA ASP B 61 16.98 5.49 7.35
C ASP B 61 16.49 4.36 6.46
N HIS B 62 15.90 3.34 7.07
CA HIS B 62 15.55 2.11 6.42
C HIS B 62 14.08 2.05 6.00
N GLY B 63 13.17 2.85 6.59
CA GLY B 63 11.76 2.75 6.35
C GLY B 63 11.32 3.70 5.27
N ILE B 64 11.26 4.98 5.64
CA ILE B 64 10.84 6.02 4.72
C ILE B 64 11.81 6.08 3.53
N GLU B 65 11.22 6.08 2.31
CA GLU B 65 12.02 6.00 1.12
C GLU B 65 12.37 7.40 0.68
N PRO B 66 13.48 7.58 -0.07
CA PRO B 66 13.83 8.88 -0.63
C PRO B 66 12.67 9.32 -1.49
N LYS B 67 12.50 10.63 -1.59
CA LYS B 67 11.33 11.16 -2.29
C LYS B 67 11.19 10.55 -3.72
N GLU B 68 12.30 10.40 -4.47
CA GLU B 68 12.19 9.94 -5.84
C GLU B 68 11.57 8.53 -5.86
N GLU B 69 11.87 7.72 -4.85
CA GLU B 69 11.48 6.31 -4.79
C GLU B 69 10.01 6.30 -4.40
N ARG B 70 9.63 7.15 -3.43
CA ARG B 70 8.20 7.32 -3.13
C ARG B 70 7.43 7.71 -4.38
N ILE B 71 7.88 8.69 -5.16
CA ILE B 71 7.13 9.09 -6.34
C ILE B 71 7.07 7.92 -7.30
N ALA B 72 8.20 7.24 -7.51
CA ALA B 72 8.30 6.12 -8.44
C ALA B 72 7.32 5.02 -8.09
N LYS B 73 6.98 4.89 -6.81
CA LYS B 73 6.10 3.84 -6.38
C LYS B 73 4.67 4.35 -6.24
N GLY B 74 4.43 5.64 -6.50
CA GLY B 74 3.08 6.21 -6.42
C GLY B 74 2.66 6.42 -4.96
N LYS B 75 3.63 6.72 -4.08
CA LYS B 75 3.35 7.08 -2.70
C LYS B 75 3.40 8.58 -2.56
N PRO B 76 2.80 9.16 -1.51
CA PRO B 76 2.94 10.61 -1.32
C PRO B 76 4.42 10.92 -1.16
N PRO B 77 4.92 12.00 -1.73
CA PRO B 77 6.36 12.29 -1.70
C PRO B 77 6.86 12.49 -0.26
N ILE B 78 6.00 13.00 0.61
CA ILE B 78 6.31 13.24 2.00
C ILE B 78 5.99 11.97 2.80
N GLY B 79 6.91 11.49 3.57
CA GLY B 79 6.68 10.30 4.38
C GLY B 79 6.09 10.77 5.71
N THR B 80 5.52 9.84 6.48
CA THR B 80 4.98 10.16 7.80
C THR B 80 5.63 9.23 8.84
N LEU B 81 6.03 9.82 9.93
CA LEU B 81 6.62 9.15 11.09
C LEU B 81 5.82 9.61 12.30
N ILE B 82 5.27 8.68 13.09
CA ILE B 82 4.37 9.02 14.20
C ILE B 82 4.97 8.33 15.40
N LEU B 83 5.16 9.10 16.45
CA LEU B 83 5.59 8.62 17.74
C LEU B 83 4.48 8.96 18.73
N SER B 84 3.95 7.94 19.43
CA SER B 84 2.73 8.13 20.24
C SER B 84 3.01 7.53 21.61
N ALA B 85 2.46 8.12 22.69
CA ALA B 85 2.34 7.37 23.95
C ALA B 85 0.92 7.53 24.45
N ARG B 86 0.44 6.47 25.14
CA ARG B 86 -0.91 6.53 25.71
C ARG B 86 -0.98 5.51 26.84
N HIS B 87 -1.96 5.77 27.72
CA HIS B 87 -2.32 4.83 28.77
C HIS B 87 -3.23 3.75 28.22
N GLU B 88 -2.96 2.51 28.63
CA GLU B 88 -3.87 1.40 28.40
C GLU B 88 -3.89 0.67 29.75
N GLY B 89 -4.93 0.98 30.51
CA GLY B 89 -5.05 0.55 31.89
C GLY B 89 -3.88 1.04 32.72
N ASN B 90 -3.12 0.01 33.15
CA ASN B 90 -2.03 0.03 34.11
C ASN B 90 -0.69 0.23 33.38
N ASN B 91 -0.73 0.07 32.05
CA ASN B 91 0.46 0.11 31.23
C ASN B 91 0.47 1.41 30.43
N VAL B 92 1.66 1.72 29.87
CA VAL B 92 1.79 2.75 28.88
C VAL B 92 2.23 2.06 27.58
N VAL B 93 1.68 2.50 26.48
CA VAL B 93 2.00 1.91 25.19
C VAL B 93 2.62 3.02 24.32
N ILE B 94 3.79 2.75 23.76
CA ILE B 94 4.50 3.73 22.95
C ILE B 94 4.62 3.10 21.56
N GLU B 95 4.21 3.85 20.53
CA GLU B 95 4.24 3.32 19.16
C GLU B 95 5.13 4.21 18.29
N VAL B 96 5.88 3.51 17.43
CA VAL B 96 6.65 4.21 16.41
C VAL B 96 6.16 3.66 15.08
N GLU B 97 5.55 4.50 14.27
CA GLU B 97 4.92 4.08 13.05
C GLU B 97 5.42 4.94 11.87
N ASP B 98 5.71 4.26 10.74
CA ASP B 98 6.10 4.95 9.51
C ASP B 98 5.33 4.31 8.35
N ASP B 99 5.19 5.08 7.26
CA ASP B 99 4.59 4.59 6.03
C ASP B 99 5.65 4.38 4.95
N GLY B 100 6.77 3.79 5.40
CA GLY B 100 7.91 3.48 4.54
C GLY B 100 7.75 2.15 3.79
N ARG B 101 8.92 1.60 3.51
CA ARG B 101 8.98 0.44 2.66
C ARG B 101 8.57 -0.84 3.36
N GLY B 102 8.52 -0.83 4.70
CA GLY B 102 8.19 -2.04 5.43
C GLY B 102 9.41 -2.95 5.54
N ILE B 103 9.19 -4.06 6.24
CA ILE B 103 10.18 -5.08 6.45
C ILE B 103 9.90 -6.19 5.50
N ASP B 104 10.98 -6.70 4.90
CA ASP B 104 10.81 -7.76 3.93
C ASP B 104 10.86 -9.11 4.65
N LYS B 105 9.71 -9.76 4.86
CA LYS B 105 9.66 -10.92 5.72
C LYS B 105 10.29 -12.14 5.03
N GLU B 106 10.19 -12.13 3.67
CA GLU B 106 10.85 -13.15 2.89
C GLU B 106 12.35 -13.16 3.11
N LYS B 107 12.95 -11.99 3.08
CA LYS B 107 14.36 -11.83 3.34
C LYS B 107 14.74 -12.27 4.75
N ILE B 108 13.88 -11.98 5.76
CA ILE B 108 14.16 -12.47 7.09
C ILE B 108 14.25 -13.97 7.11
N ILE B 109 13.30 -14.63 6.44
CA ILE B 109 13.28 -16.07 6.42
C ILE B 109 14.52 -16.65 5.73
N ARG B 110 14.90 -16.01 4.62
CA ARG B 110 16.07 -16.47 3.90
C ARG B 110 17.33 -16.36 4.79
N LYS B 111 17.44 -15.26 5.49
CA LYS B 111 18.61 -15.09 6.34
C LYS B 111 18.57 -16.03 7.55
N ALA B 112 17.38 -16.30 8.12
CA ALA B 112 17.30 -17.29 9.18
C ALA B 112 17.71 -18.68 8.73
N ILE B 113 17.33 -19.05 7.51
CA ILE B 113 17.79 -20.32 7.02
C ILE B 113 19.33 -20.31 6.82
N GLU B 114 19.86 -19.27 6.24
CA GLU B 114 21.29 -19.16 5.97
C GLU B 114 22.10 -19.32 7.27
N LYS B 115 21.62 -18.70 8.34
CA LYS B 115 22.33 -18.63 9.62
C LYS B 115 22.22 -19.91 10.42
N GLY B 116 21.31 -20.77 9.96
CA GLY B 116 21.03 -22.06 10.51
C GLY B 116 20.09 -21.97 11.70
N LEU B 117 19.29 -20.94 11.79
CA LEU B 117 18.35 -20.70 12.86
C LEU B 117 17.04 -21.42 12.62
N ILE B 118 16.68 -21.69 11.38
CA ILE B 118 15.45 -22.41 11.06
C ILE B 118 15.72 -23.27 9.84
N ASP B 119 15.11 -24.46 9.79
CA ASP B 119 15.06 -25.29 8.61
C ASP B 119 14.09 -24.72 7.61
N GLU B 120 14.36 -25.04 6.37
CA GLU B 120 13.54 -24.56 5.32
C GLU B 120 12.16 -25.20 5.42
N SER B 121 12.10 -26.43 5.88
CA SER B 121 10.82 -27.12 5.90
C SER B 121 9.80 -26.36 6.77
N LYS B 122 10.25 -25.72 7.83
CA LYS B 122 9.36 -25.03 8.78
C LYS B 122 9.00 -23.58 8.34
N ALA B 123 9.64 -23.07 7.29
CA ALA B 123 9.44 -21.67 6.89
C ALA B 123 8.00 -21.38 6.44
N ALA B 124 7.36 -22.30 5.70
CA ALA B 124 6.06 -22.09 5.05
C ALA B 124 4.95 -21.72 6.04
N THR B 125 5.04 -22.16 7.29
CA THR B 125 3.94 -21.91 8.24
C THR B 125 4.38 -21.10 9.47
N LEU B 126 5.53 -20.42 9.39
CA LEU B 126 5.94 -19.51 10.45
C LEU B 126 4.88 -18.44 10.67
N SER B 127 4.63 -18.06 11.91
CA SER B 127 3.70 -16.94 12.11
C SER B 127 4.41 -15.64 11.74
N ASP B 128 3.59 -14.62 11.50
CA ASP B 128 4.08 -13.31 11.20
C ASP B 128 4.99 -12.82 12.34
N GLN B 129 4.52 -13.01 13.58
CA GLN B 129 5.32 -12.48 14.70
C GLN B 129 6.61 -13.27 14.91
N GLU B 130 6.56 -14.56 14.67
CA GLU B 130 7.72 -15.41 14.77
C GLU B 130 8.79 -14.87 13.80
N ILE B 131 8.37 -14.56 12.58
CA ILE B 131 9.33 -14.07 11.56
C ILE B 131 9.92 -12.75 12.03
N LEU B 132 9.09 -11.79 12.45
CA LEU B 132 9.57 -10.47 12.76
C LEU B 132 10.46 -10.51 14.01
N ASN B 133 10.29 -11.50 14.88
CA ASN B 133 11.06 -11.53 16.11
C ASN B 133 12.51 -11.93 15.86
N PHE B 134 12.81 -12.52 14.70
CA PHE B 134 14.20 -12.74 14.35
C PHE B 134 14.98 -11.43 14.41
N LEU B 135 14.34 -10.29 14.12
CA LEU B 135 15.05 -9.01 14.08
C LEU B 135 15.69 -8.68 15.43
N PHE B 136 15.26 -9.35 16.46
CA PHE B 136 15.82 -9.10 17.81
C PHE B 136 16.97 -10.03 18.15
N VAL B 137 17.27 -11.01 17.29
CA VAL B 137 18.41 -11.88 17.50
C VAL B 137 19.68 -11.08 17.29
N PRO B 138 20.63 -11.12 18.24
CA PRO B 138 21.92 -10.44 18.07
C PRO B 138 22.64 -10.79 16.77
N GLY B 139 22.98 -9.75 16.03
CA GLY B 139 23.79 -9.87 14.84
C GLY B 139 22.96 -10.29 13.62
N PHE B 140 21.63 -10.32 13.76
CA PHE B 140 20.76 -10.59 12.62
C PHE B 140 20.82 -9.43 11.63
N VAL B 154 22.78 1.58 18.81
CA VAL B 154 22.29 0.33 19.48
C VAL B 154 21.46 -0.45 18.47
N GLY B 155 21.62 -1.79 18.40
CA GLY B 155 20.84 -2.66 17.55
C GLY B 155 19.46 -3.01 18.14
N MET B 156 18.63 -3.70 17.38
CA MET B 156 17.25 -4.02 17.76
C MET B 156 17.28 -5.03 18.91
N ASP B 157 18.31 -5.90 18.95
CA ASP B 157 18.49 -6.80 20.09
C ASP B 157 18.55 -5.97 21.39
N VAL B 158 19.34 -4.86 21.35
CA VAL B 158 19.59 -4.07 22.55
C VAL B 158 18.32 -3.27 22.90
N VAL B 159 17.52 -2.86 21.91
CA VAL B 159 16.18 -2.28 22.11
C VAL B 159 15.29 -3.24 22.93
N LYS B 160 15.19 -4.49 22.51
CA LYS B 160 14.42 -5.49 23.29
C LYS B 160 15.00 -5.74 24.69
N ASN B 161 16.31 -5.75 24.82
CA ASN B 161 16.98 -5.98 26.13
C ASN B 161 16.63 -4.89 27.12
N VAL B 162 16.69 -3.64 26.68
CA VAL B 162 16.33 -2.52 27.54
C VAL B 162 14.85 -2.61 27.89
N VAL B 163 13.98 -2.83 26.90
CA VAL B 163 12.54 -2.90 27.23
C VAL B 163 12.29 -4.02 28.24
N GLU B 164 12.88 -5.19 28.01
CA GLU B 164 12.72 -6.32 28.93
C GLU B 164 13.28 -6.05 30.33
N SER B 165 14.38 -5.29 30.42
CA SER B 165 14.90 -4.87 31.72
C SER B 165 13.96 -3.92 32.48
N LEU B 166 13.02 -3.28 31.78
CA LEU B 166 12.03 -2.36 32.36
C LEU B 166 10.73 -3.11 32.59
N ASN B 167 10.75 -4.41 32.42
CA ASN B 167 9.59 -5.31 32.58
C ASN B 167 8.54 -5.04 31.52
N GLY B 168 9.01 -4.57 30.36
CA GLY B 168 8.12 -4.33 29.25
C GLY B 168 8.16 -5.40 28.17
N SER B 169 7.43 -5.14 27.07
CA SER B 169 7.37 -6.07 25.94
C SER B 169 7.38 -5.24 24.67
N ILE B 170 7.86 -5.84 23.58
CA ILE B 170 7.99 -5.11 22.32
C ILE B 170 7.55 -6.04 21.20
N SER B 171 6.88 -5.46 20.24
CA SER B 171 6.40 -6.19 19.07
C SER B 171 6.61 -5.33 17.83
N ILE B 172 6.74 -5.99 16.68
CA ILE B 172 6.82 -5.33 15.39
C ILE B 172 5.70 -5.84 14.49
N GLU B 173 5.07 -4.89 13.76
CA GLU B 173 4.09 -5.19 12.72
C GLU B 173 4.59 -4.53 11.45
N SER B 174 4.49 -5.20 10.28
CA SER B 174 4.96 -4.51 9.11
C SER B 174 4.31 -5.17 7.89
N GLU B 175 4.21 -4.36 6.85
CA GLU B 175 3.65 -4.88 5.61
C GLU B 175 4.43 -4.25 4.49
N LYS B 176 4.92 -5.10 3.58
CA LYS B 176 5.84 -4.59 2.57
C LYS B 176 5.22 -3.46 1.76
N ASP B 177 6.01 -2.38 1.53
CA ASP B 177 5.61 -1.15 0.86
C ASP B 177 4.58 -0.32 1.61
N LYS B 178 4.07 -0.75 2.79
CA LYS B 178 3.07 0.04 3.46
C LYS B 178 3.72 0.76 4.67
N GLY B 179 4.59 0.07 5.38
CA GLY B 179 5.28 0.60 6.52
C GLY B 179 5.32 -0.33 7.72
N THR B 180 5.80 0.28 8.82
CA THR B 180 6.23 -0.47 9.98
C THR B 180 5.70 0.20 11.25
N LYS B 181 5.24 -0.61 12.24
CA LYS B 181 4.83 -0.11 13.53
C LYS B 181 5.51 -0.99 14.56
N VAL B 182 6.25 -0.36 15.45
CA VAL B 182 6.89 -0.97 16.60
C VAL B 182 6.12 -0.54 17.86
N THR B 183 5.74 -1.52 18.67
CA THR B 183 4.96 -1.17 19.87
C THR B 183 5.73 -1.65 21.09
N ILE B 184 5.83 -0.74 22.10
CA ILE B 184 6.49 -0.98 23.38
C ILE B 184 5.41 -0.85 24.44
N ARG B 185 5.28 -1.85 25.31
CA ARG B 185 4.36 -1.77 26.42
C ARG B 185 5.16 -1.79 27.72
N LEU B 186 5.01 -0.73 28.53
CA LEU B 186 5.71 -0.56 29.80
C LEU B 186 4.67 -0.63 30.92
N PRO B 187 5.08 -1.09 32.08
CA PRO B 187 4.27 -0.95 33.29
C PRO B 187 4.30 0.54 33.68
N LEU B 188 3.25 1.03 34.36
CA LEU B 188 3.25 2.43 34.84
C LEU B 188 4.29 2.67 35.96
N THR B 189 4.41 1.66 36.84
CA THR B 189 5.27 1.54 38.02
C THR B 189 5.19 2.85 38.79
C4 WXC C . -7.64 -3.34 -20.79
C5 WXC C . -7.07 -4.54 -20.10
C6 WXC C . -7.26 -5.74 -21.07
C7 WXC C . -6.66 -5.47 -22.34
C8 WXC C . -7.39 -4.40 -23.05
N1 WXC C . -8.86 -0.14 -19.98
N2 WXC C . -8.73 -1.12 -22.02
C3 WXC C . -7.79 -3.26 -22.19
N3 WXC C . -8.00 -2.32 -20.00
C1 WXC C . -8.52 -1.21 -20.69
C2 WXC C . -8.31 -2.14 -22.77
O1 WXC C . -7.51 -4.38 -24.27
H5 WXC C . -6.13 -4.40 -19.90
H4 WXC C . -7.54 -4.69 -19.26
H6 WXC C . -8.22 -5.91 -21.19
H7 WXC C . -6.86 -6.55 -20.68
H8 WXC C . -6.67 -6.28 -22.87
H9 WXC C . -5.74 -5.21 -22.21
H1 WXC C . -8.73 -0.14 -19.10
H2 WXC C . -9.20 0.56 -20.38
H3 WXC C . -8.43 -2.10 -23.70
C4 WXC D . 13.46 -1.46 9.59
C5 WXC D . 14.48 -2.26 10.35
C6 WXC D . 15.55 -2.82 9.38
C7 WXC D . 14.99 -3.50 8.20
C8 WXC D . 14.00 -2.65 7.45
N1 WXC D . 11.08 1.12 10.28
N2 WXC D . 11.46 -0.06 8.28
C3 WXC D . 13.17 -1.71 8.25
N3 WXC D . 12.74 -0.57 10.29
C1 WXC D . 11.77 0.15 9.59
C2 WXC D . 12.23 -0.91 7.61
O1 WXC D . 13.89 -2.74 6.23
H5 WXC D . 14.90 -1.69 11.02
H4 WXC D . 14.04 -3.00 10.81
H6 WXC D . 16.11 -3.45 9.87
H7 WXC D . 16.12 -2.09 9.09
H8 WXC D . 14.57 -4.32 8.48
H9 WXC D . 15.73 -3.73 7.61
H1 WXC D . 11.26 1.26 11.12
H2 WXC D . 10.46 1.58 9.86
H3 WXC D . 12.05 -1.06 6.70
#